data_5FZ9
#
_entry.id   5FZ9
#
_cell.length_a   143.510
_cell.length_b   143.510
_cell.length_c   154.050
_cell.angle_alpha   90.00
_cell.angle_beta   90.00
_cell.angle_gamma   120.00
#
_symmetry.space_group_name_H-M   'P 65 2 2'
#
loop_
_entity.id
_entity.type
_entity.pdbx_description
1 polymer 'LYSINE-SPECIFIC DEMETHYLASE 5B'
2 non-polymer 'ZINC ION'
3 non-polymer 'DIMETHYL SULFOXIDE'
4 non-polymer 'MANGANESE (II) ION'
5 non-polymer '4-(2-HYDROXYETHYL)-1-PIPERAZINE ETHANESULFONIC ACID'
6 non-polymer 1,2-ETHANEDIOL
7 non-polymer 'CHLORIDE ION'
8 non-polymer 'thieno[3,2-b]thiophene-5-carboxylic acid'
9 non-polymer 'PHOSPHATE ION'
10 water water
#
_entity_poly.entity_id   1
_entity_poly.type   'polypeptide(L)'
_entity_poly.pdbx_seq_one_letter_code
;SMFLPPPECPVFEPSWEEFADPFAFIHKIRPIAEQTGICKVRPPPDWQPPFACDVDKLHFTPRIQRLNELEAQTRVKLGG
GGARDYTLRTFGEMADAFKSDYFNMPVHMVPTELVEKEFWRLVSTIEEDVTVEYGADIASKEFGSGFPVRDGKIKLSPEE
EEYLDSGWNLNNMPVMEQSVLAHITADICGMKLPWLYVGMCFSSFCWHIEDHWSYSINYLHWGEPKTWYGVPGYAAEQLE
NVMKKLAPELFVSQPDLLHQLVTIMNPNTLMTHEVPVYRTNQCAGEFVITFPRAYHSGFNQGFNFAEAVNFCTVDWLPLG
RQCVEHYRLLHRYCVFSHDEMICKMASKADVLDVVVASTVQKDMAIMIEDEKALRETVRKLGVIDSERMDFELLPDDERQ
CVKCKTTCFMSAISCSCKPGLLVCLHHVKELCSCPPYKYKLRYRYTLDDLYPMMNALKLRAESYNEWALNVNEALEAKI
;
_entity_poly.pdbx_strand_id   A
#
loop_
_chem_comp.id
_chem_comp.type
_chem_comp.name
_chem_comp.formula
CL non-polymer 'CHLORIDE ION' 'Cl -1'
DMS non-polymer 'DIMETHYL SULFOXIDE' 'C2 H6 O S'
EDO non-polymer 1,2-ETHANEDIOL 'C2 H6 O2'
EPE non-polymer '4-(2-HYDROXYETHYL)-1-PIPERAZINE ETHANESULFONIC ACID' 'C8 H18 N2 O4 S'
MN non-polymer 'MANGANESE (II) ION' 'Mn 2'
NUK non-polymer 'thieno[3,2-b]thiophene-5-carboxylic acid' 'C7 H4 O2 S2'
PO4 non-polymer 'PHOSPHATE ION' 'O4 P -3'
ZN non-polymer 'ZINC ION' 'Zn 2'
#
# COMPACT_ATOMS: atom_id res chain seq x y z
N SER A 1 -23.21 -22.31 12.23
CA SER A 1 -23.38 -22.01 13.64
C SER A 1 -22.03 -21.66 14.25
N MET A 2 -22.03 -20.66 15.14
CA MET A 2 -20.79 -20.05 15.60
C MET A 2 -19.95 -19.49 14.40
N PHE A 3 -19.12 -20.29 13.71
CA PHE A 3 -18.36 -19.73 12.54
C PHE A 3 -18.54 -20.48 11.23
N LEU A 4 -19.03 -19.78 10.21
CA LEU A 4 -19.15 -20.30 8.85
C LEU A 4 -18.07 -19.72 7.93
N PRO A 5 -17.06 -20.53 7.58
CA PRO A 5 -15.95 -20.05 6.74
C PRO A 5 -16.43 -19.45 5.42
N PRO A 6 -15.92 -18.26 5.05
CA PRO A 6 -16.22 -17.70 3.72
C PRO A 6 -15.75 -18.65 2.62
N PRO A 7 -16.30 -18.52 1.41
CA PRO A 7 -15.83 -19.33 0.29
C PRO A 7 -14.36 -19.07 -0.05
N GLU A 8 -13.70 -20.05 -0.68
CA GLU A 8 -12.27 -19.93 -0.99
C GLU A 8 -11.99 -18.94 -2.13
N CYS A 9 -10.94 -18.14 -2.00
CA CYS A 9 -10.53 -17.25 -3.10
C CYS A 9 -9.90 -18.08 -4.25
N PRO A 10 -9.70 -17.48 -5.44
CA PRO A 10 -9.04 -18.16 -6.57
C PRO A 10 -7.61 -18.60 -6.29
N VAL A 11 -7.20 -19.76 -6.81
CA VAL A 11 -5.82 -20.23 -6.72
C VAL A 11 -5.26 -20.47 -8.12
N PHE A 12 -4.10 -19.88 -8.42
CA PHE A 12 -3.50 -19.99 -9.75
C PHE A 12 -2.22 -20.81 -9.69
N GLU A 13 -1.99 -21.61 -10.73
CA GLU A 13 -0.76 -22.40 -10.87
C GLU A 13 -0.15 -22.15 -12.26
N PRO A 14 0.57 -21.03 -12.43
CA PRO A 14 1.14 -20.71 -13.74
C PRO A 14 2.25 -21.68 -14.17
N SER A 15 2.33 -21.96 -15.46
CA SER A 15 3.48 -22.68 -16.02
C SER A 15 4.73 -21.82 -15.94
N TRP A 16 5.88 -22.41 -16.23
N TRP A 16 5.88 -22.42 -16.22
CA TRP A 16 7.16 -21.69 -16.23
CA TRP A 16 7.13 -21.66 -16.21
C TRP A 16 7.13 -20.52 -17.22
C TRP A 16 7.07 -20.48 -17.18
N GLU A 17 6.38 -20.68 -18.30
CA GLU A 17 6.24 -19.62 -19.30
C GLU A 17 5.43 -18.45 -18.75
N GLU A 18 4.23 -18.73 -18.23
CA GLU A 18 3.36 -17.71 -17.64
C GLU A 18 4.04 -17.00 -16.48
N PHE A 19 4.75 -17.78 -15.67
CA PHE A 19 5.40 -17.30 -14.46
C PHE A 19 6.53 -16.31 -14.73
N ALA A 20 7.21 -16.48 -15.86
CA ALA A 20 8.44 -15.73 -16.15
C ALA A 20 8.27 -14.21 -16.02
N ASP A 21 7.13 -13.68 -16.47
CA ASP A 21 6.88 -12.25 -16.33
C ASP A 21 5.71 -11.97 -15.37
N PRO A 22 6.03 -11.50 -14.15
CA PRO A 22 5.00 -11.29 -13.12
C PRO A 22 3.96 -10.24 -13.53
N PHE A 23 4.38 -9.19 -14.24
CA PHE A 23 3.44 -8.13 -14.60
C PHE A 23 2.47 -8.58 -15.69
N ALA A 24 2.95 -9.36 -16.65
CA ALA A 24 2.06 -9.91 -17.66
C ALA A 24 1.06 -10.86 -17.02
N PHE A 25 1.54 -11.67 -16.07
CA PHE A 25 0.69 -12.65 -15.39
C PHE A 25 -0.39 -11.98 -14.56
N ILE A 26 0.01 -10.99 -13.78
CA ILE A 26 -0.91 -10.27 -12.91
C ILE A 26 -2.00 -9.61 -13.74
N HIS A 27 -1.61 -9.02 -14.88
CA HIS A 27 -2.58 -8.42 -15.80
C HIS A 27 -3.54 -9.48 -16.35
N LYS A 28 -3.03 -10.68 -16.61
CA LYS A 28 -3.87 -11.75 -17.13
C LYS A 28 -4.95 -12.23 -16.13
N ILE A 29 -4.58 -12.43 -14.86
CA ILE A 29 -5.53 -12.94 -13.87
C ILE A 29 -6.47 -11.85 -13.34
N ARG A 30 -6.18 -10.60 -13.70
CA ARG A 30 -6.90 -9.44 -13.17
C ARG A 30 -8.44 -9.50 -13.29
N PRO A 31 -8.98 -9.96 -14.43
CA PRO A 31 -10.45 -9.93 -14.47
C PRO A 31 -11.10 -10.90 -13.48
N ILE A 32 -10.42 -11.98 -13.13
CA ILE A 32 -10.90 -12.93 -12.12
C ILE A 32 -10.66 -12.42 -10.71
N ALA A 33 -9.39 -12.16 -10.39
CA ALA A 33 -8.96 -11.82 -9.04
C ALA A 33 -9.56 -10.51 -8.51
N GLU A 34 -9.84 -9.56 -9.39
CA GLU A 34 -10.35 -8.27 -8.90
C GLU A 34 -11.81 -8.40 -8.43
N GLN A 35 -12.47 -9.50 -8.79
CA GLN A 35 -13.82 -9.76 -8.31
C GLN A 35 -13.82 -10.32 -6.88
N THR A 36 -12.67 -10.80 -6.43
CA THR A 36 -12.54 -11.39 -5.09
C THR A 36 -11.57 -10.68 -4.15
N GLY A 37 -10.83 -9.70 -4.67
CA GLY A 37 -9.95 -8.87 -3.83
C GLY A 37 -8.58 -9.46 -3.56
N ILE A 38 -8.53 -10.73 -3.16
CA ILE A 38 -7.26 -11.42 -2.97
C ILE A 38 -7.23 -12.67 -3.84
N CYS A 39 -6.02 -13.18 -4.11
CA CYS A 39 -5.88 -14.46 -4.81
C CYS A 39 -4.56 -15.09 -4.38
N LYS A 40 -4.42 -16.39 -4.64
CA LYS A 40 -3.20 -17.11 -4.25
C LYS A 40 -2.45 -17.58 -5.51
N VAL A 41 -1.13 -17.51 -5.48
CA VAL A 41 -0.33 -17.95 -6.62
C VAL A 41 0.68 -18.99 -6.18
N ARG A 42 0.59 -20.17 -6.78
CA ARG A 42 1.54 -21.25 -6.54
C ARG A 42 2.61 -21.24 -7.63
N PRO A 43 3.86 -21.00 -7.25
CA PRO A 43 4.93 -21.00 -8.26
C PRO A 43 5.13 -22.41 -8.86
N PRO A 44 5.69 -22.48 -10.08
CA PRO A 44 6.09 -23.76 -10.68
C PRO A 44 6.93 -24.58 -9.70
N PRO A 45 6.76 -25.91 -9.73
CA PRO A 45 7.28 -26.86 -8.74
C PRO A 45 8.77 -26.72 -8.43
N ASP A 46 9.58 -26.31 -9.40
CA ASP A 46 11.02 -26.21 -9.22
C ASP A 46 11.53 -24.78 -8.96
N TRP A 47 10.61 -23.83 -8.79
CA TRP A 47 10.99 -22.49 -8.33
C TRP A 47 11.07 -22.53 -6.80
N GLN A 48 12.27 -22.76 -6.26
CA GLN A 48 12.48 -22.67 -4.81
C GLN A 48 13.66 -21.79 -4.48
N PRO A 49 13.39 -20.53 -4.11
CA PRO A 49 14.45 -19.64 -3.62
C PRO A 49 15.05 -20.21 -2.36
N PRO A 50 16.38 -20.13 -2.24
CA PRO A 50 17.01 -20.66 -1.04
C PRO A 50 16.75 -19.75 0.15
N PHE A 51 16.28 -20.30 1.26
CA PHE A 51 16.26 -19.54 2.50
C PHE A 51 17.34 -20.03 3.44
N ALA A 52 18.17 -19.11 3.90
CA ALA A 52 19.23 -19.44 4.86
C ALA A 52 19.49 -18.26 5.78
N CYS A 53 19.55 -18.53 7.08
CA CYS A 53 19.88 -17.52 8.08
C CYS A 53 20.33 -18.13 9.41
N ASP A 54 21.05 -17.34 10.21
CA ASP A 54 21.42 -17.73 11.55
C ASP A 54 20.33 -17.28 12.51
N VAL A 55 19.67 -18.23 13.17
CA VAL A 55 18.56 -17.88 14.04
C VAL A 55 19.03 -17.16 15.30
N ASP A 56 20.34 -17.16 15.57
CA ASP A 56 20.88 -16.58 16.80
C ASP A 56 21.35 -15.13 16.61
N LYS A 57 21.65 -14.75 15.38
CA LYS A 57 22.22 -13.43 15.13
C LYS A 57 21.20 -12.43 14.59
N LEU A 58 19.99 -12.90 14.31
CA LEU A 58 18.93 -12.00 13.90
C LEU A 58 18.09 -11.58 15.11
N HIS A 59 18.14 -10.29 15.47
CA HIS A 59 17.41 -9.69 16.60
CA HIS A 59 17.30 -9.83 16.58
C HIS A 59 16.27 -8.81 16.09
N PHE A 60 15.20 -8.66 16.89
CA PHE A 60 14.15 -7.67 16.60
C PHE A 60 13.35 -7.36 17.86
N THR A 61 12.71 -6.19 17.85
CA THR A 61 11.94 -5.72 18.99
C THR A 61 10.47 -6.06 18.77
N PRO A 62 9.92 -6.89 19.66
CA PRO A 62 8.54 -7.39 19.47
C PRO A 62 7.47 -6.35 19.74
N ARG A 63 6.36 -6.46 19.03
CA ARG A 63 5.15 -5.69 19.34
C ARG A 63 4.16 -6.57 20.10
N ILE A 64 3.41 -5.96 21.02
CA ILE A 64 2.44 -6.69 21.85
C ILE A 64 1.01 -6.41 21.38
N GLN A 65 0.17 -7.42 21.39
CA GLN A 65 -1.15 -7.30 20.78
C GLN A 65 -2.25 -7.92 21.63
N ARG A 66 -3.29 -7.14 21.94
CA ARG A 66 -4.50 -7.66 22.58
C ARG A 66 -5.51 -8.15 21.54
N LEU A 67 -6.23 -9.23 21.84
CA LEU A 67 -7.11 -9.82 20.83
C LEU A 67 -8.61 -9.67 21.14
N ASN A 68 -9.15 -8.48 20.92
CA ASN A 68 -10.56 -8.18 21.12
C ASN A 68 -11.26 -7.63 19.89
N GLU A 69 -12.30 -8.31 19.44
CA GLU A 69 -13.08 -7.84 18.31
C GLU A 69 -13.57 -6.39 18.53
N LEU A 70 -13.47 -5.58 17.48
CA LEU A 70 -13.93 -4.17 17.47
C LEU A 70 -13.10 -3.20 18.32
N GLU A 71 -12.06 -3.69 18.99
CA GLU A 71 -11.17 -2.80 19.75
C GLU A 71 -10.18 -2.09 18.83
N ALA A 72 -9.94 -0.81 19.09
CA ALA A 72 -9.04 0.00 18.27
C ALA A 72 -7.58 -0.40 18.47
N GLN A 73 -6.86 -0.52 17.36
CA GLN A 73 -5.42 -0.72 17.34
C GLN A 73 -4.79 0.32 16.40
N THR A 74 -3.55 0.70 16.64
CA THR A 74 -2.87 1.66 15.75
C THR A 74 -2.01 0.88 14.75
N ARG A 75 -1.89 1.39 13.53
CA ARG A 75 -1.45 0.54 12.41
C ARG A 75 0.05 0.19 12.27
N VAL A 76 0.94 1.18 12.26
CA VAL A 76 2.35 0.91 11.96
C VAL A 76 3.35 1.46 12.98
N LYS A 77 4.62 1.49 12.59
CA LYS A 77 5.69 2.12 13.37
C LYS A 77 6.94 2.32 12.51
N ARG A 84 12.25 -4.52 25.11
CA ARG A 84 12.24 -5.97 24.99
C ARG A 84 12.99 -6.40 23.72
N ASP A 85 13.44 -7.65 23.67
CA ASP A 85 14.23 -8.11 22.52
C ASP A 85 14.25 -9.64 22.36
N TYR A 86 14.03 -10.11 21.14
CA TYR A 86 14.08 -11.54 20.84
C TYR A 86 15.11 -11.84 19.76
N THR A 87 15.77 -13.00 19.80
CA THR A 87 16.39 -13.51 18.57
C THR A 87 15.31 -14.32 17.87
N LEU A 88 15.53 -14.68 16.62
CA LEU A 88 14.60 -15.55 15.90
C LEU A 88 14.42 -16.87 16.66
N ARG A 89 15.51 -17.38 17.25
CA ARG A 89 15.41 -18.61 18.04
C ARG A 89 14.57 -18.45 19.31
N THR A 90 14.82 -17.40 20.09
CA THR A 90 14.09 -17.24 21.36
C THR A 90 12.61 -16.92 21.09
N PHE A 91 12.31 -16.22 19.99
CA PHE A 91 10.92 -15.99 19.64
C PHE A 91 10.24 -17.30 19.27
N GLY A 92 10.92 -18.10 18.45
CA GLY A 92 10.42 -19.40 18.03
C GLY A 92 10.13 -20.32 19.20
N GLU A 93 11.03 -20.37 20.16
CA GLU A 93 10.82 -21.19 21.36
C GLU A 93 9.60 -20.70 22.14
N MET A 94 9.41 -19.39 22.21
CA MET A 94 8.26 -18.83 22.92
C MET A 94 6.96 -19.16 22.18
N ALA A 95 6.98 -19.02 20.86
CA ALA A 95 5.78 -19.19 20.06
C ALA A 95 5.26 -20.63 20.04
N ASP A 96 6.19 -21.59 19.95
CA ASP A 96 5.86 -23.02 19.92
C ASP A 96 5.28 -23.52 21.25
N ALA A 97 5.93 -23.13 22.34
CA ALA A 97 5.45 -23.38 23.70
C ALA A 97 4.06 -22.78 23.94
N PHE A 98 3.83 -21.55 23.45
CA PHE A 98 2.52 -20.92 23.58
C PHE A 98 1.43 -21.77 22.94
N LYS A 99 1.61 -22.11 21.66
CA LYS A 99 0.60 -22.89 20.94
C LYS A 99 0.41 -24.29 21.55
N SER A 100 1.53 -24.90 21.94
CA SER A 100 1.53 -26.25 22.48
C SER A 100 0.74 -26.30 23.80
N ASP A 101 0.95 -25.30 24.65
CA ASP A 101 0.25 -25.21 25.94
C ASP A 101 -1.21 -24.77 25.81
N TYR A 102 -1.54 -24.02 24.77
CA TYR A 102 -2.90 -23.54 24.57
C TYR A 102 -3.84 -24.69 24.22
N PHE A 103 -3.34 -25.62 23.41
CA PHE A 103 -4.17 -26.71 22.93
C PHE A 103 -3.88 -28.07 23.60
N ASN A 104 -2.86 -28.10 24.47
CA ASN A 104 -2.31 -29.35 25.02
C ASN A 104 -2.09 -30.40 23.93
N MET A 105 -1.47 -29.96 22.83
CA MET A 105 -1.17 -30.82 21.69
C MET A 105 0.20 -30.49 21.10
N PRO A 106 0.77 -31.40 20.30
CA PRO A 106 1.89 -31.01 19.42
C PRO A 106 1.39 -30.11 18.29
N VAL A 107 2.15 -29.09 17.87
CA VAL A 107 1.64 -28.03 16.98
C VAL A 107 1.09 -28.49 15.60
N HIS A 108 1.64 -29.59 15.09
CA HIS A 108 1.34 -30.08 13.75
C HIS A 108 0.12 -30.96 13.71
N MET A 109 -0.46 -31.18 14.89
CA MET A 109 -1.64 -32.00 14.97
C MET A 109 -2.85 -31.12 15.16
N VAL A 110 -2.62 -29.84 15.50
CA VAL A 110 -3.70 -28.88 15.61
C VAL A 110 -4.21 -28.48 14.24
N PRO A 111 -5.40 -28.97 13.86
CA PRO A 111 -6.03 -28.72 12.55
C PRO A 111 -6.26 -27.23 12.27
N THR A 112 -6.12 -26.79 11.02
CA THR A 112 -6.20 -25.35 10.71
C THR A 112 -7.63 -24.85 10.95
N GLU A 113 -8.63 -25.68 10.67
N GLU A 113 -8.61 -25.71 10.64
CA GLU A 113 -10.02 -25.27 10.83
CA GLU A 113 -10.03 -25.46 10.84
C GLU A 113 -10.40 -25.14 12.32
C GLU A 113 -10.35 -25.13 12.30
N LEU A 114 -9.63 -25.77 13.21
CA LEU A 114 -9.82 -25.58 14.66
C LEU A 114 -9.23 -24.27 15.15
N VAL A 115 -7.98 -23.97 14.75
CA VAL A 115 -7.39 -22.68 15.09
C VAL A 115 -8.26 -21.50 14.61
N GLU A 116 -8.84 -21.64 13.43
CA GLU A 116 -9.71 -20.59 12.87
C GLU A 116 -10.98 -20.40 13.72
N LYS A 117 -11.68 -21.50 14.01
CA LYS A 117 -12.86 -21.47 14.89
C LYS A 117 -12.53 -20.87 16.24
N GLU A 118 -11.41 -21.30 16.80
CA GLU A 118 -11.01 -20.82 18.12
C GLU A 118 -10.61 -19.35 18.12
N PHE A 119 -10.02 -18.88 17.02
CA PHE A 119 -9.63 -17.48 16.93
C PHE A 119 -10.87 -16.61 17.08
N TRP A 120 -11.90 -16.91 16.30
CA TRP A 120 -13.11 -16.11 16.30
C TRP A 120 -13.93 -16.25 17.60
N ARG A 121 -13.82 -17.39 18.29
CA ARG A 121 -14.39 -17.50 19.63
C ARG A 121 -13.64 -16.56 20.59
N LEU A 122 -12.31 -16.64 20.65
CA LEU A 122 -11.61 -15.89 21.69
C LEU A 122 -11.66 -14.37 21.53
N VAL A 123 -11.72 -13.87 20.30
CA VAL A 123 -11.72 -12.41 20.13
C VAL A 123 -13.10 -11.82 20.49
N SER A 124 -14.13 -12.66 20.53
CA SER A 124 -15.49 -12.15 20.79
C SER A 124 -15.84 -12.23 22.28
N THR A 125 -15.13 -13.10 23.01
CA THR A 125 -15.42 -13.36 24.41
C THR A 125 -14.70 -12.35 25.32
N ILE A 126 -15.48 -11.53 26.00
CA ILE A 126 -14.91 -10.45 26.80
C ILE A 126 -14.11 -10.98 28.01
N GLU A 127 -14.46 -12.16 28.50
CA GLU A 127 -13.78 -12.76 29.65
C GLU A 127 -12.35 -13.18 29.32
N GLU A 128 -12.15 -13.78 28.15
CA GLU A 128 -10.82 -14.12 27.67
C GLU A 128 -10.02 -12.84 27.44
N ASP A 129 -8.77 -12.82 27.90
CA ASP A 129 -7.87 -11.72 27.55
C ASP A 129 -6.50 -12.26 27.14
N VAL A 130 -6.48 -12.89 25.96
CA VAL A 130 -5.26 -13.41 25.38
C VAL A 130 -4.42 -12.30 24.76
N THR A 131 -3.12 -12.24 25.08
CA THR A 131 -2.24 -11.33 24.36
C THR A 131 -1.11 -12.11 23.68
N VAL A 132 -0.71 -11.66 22.50
CA VAL A 132 0.37 -12.32 21.76
C VAL A 132 1.40 -11.28 21.31
N GLU A 133 2.52 -11.74 20.76
CA GLU A 133 3.58 -10.85 20.26
C GLU A 133 3.93 -11.20 18.82
N TYR A 134 4.57 -10.27 18.10
CA TYR A 134 4.94 -10.48 16.71
C TYR A 134 6.02 -9.49 16.26
N GLY A 135 6.58 -9.71 15.08
CA GLY A 135 7.55 -8.79 14.53
C GLY A 135 7.07 -8.19 13.23
N ALA A 136 7.25 -6.88 13.06
CA ALA A 136 6.96 -6.20 11.81
C ALA A 136 7.95 -5.02 11.61
N ASP A 137 8.73 -5.04 10.53
CA ASP A 137 9.73 -3.99 10.26
C ASP A 137 10.24 -4.04 8.83
N ILE A 138 10.72 -2.92 8.30
CA ILE A 138 11.34 -2.95 6.97
C ILE A 138 12.72 -3.57 7.08
N ALA A 139 13.26 -4.03 5.96
CA ALA A 139 14.57 -4.67 5.94
C ALA A 139 15.65 -3.72 6.47
N SER A 140 16.55 -4.24 7.29
CA SER A 140 17.63 -3.44 7.89
C SER A 140 18.93 -4.23 7.97
N LYS A 141 19.92 -3.65 8.66
CA LYS A 141 21.20 -4.32 8.85
C LYS A 141 21.12 -5.40 9.92
N GLU A 142 20.28 -5.17 10.92
CA GLU A 142 20.11 -6.14 12.01
C GLU A 142 19.17 -7.28 11.58
N PHE A 143 18.41 -7.04 10.51
CA PHE A 143 17.43 -8.00 10.02
C PHE A 143 17.04 -7.71 8.57
N GLY A 144 17.55 -8.52 7.64
CA GLY A 144 17.40 -8.24 6.22
C GLY A 144 16.46 -9.16 5.46
N SER A 145 16.37 -8.94 4.15
CA SER A 145 15.48 -9.73 3.29
C SER A 145 15.70 -11.25 3.40
N GLY A 146 14.62 -12.00 3.22
CA GLY A 146 14.72 -13.45 3.14
C GLY A 146 15.09 -13.88 1.72
N PHE A 147 15.04 -12.93 0.79
CA PHE A 147 15.46 -13.19 -0.59
C PHE A 147 16.93 -12.82 -0.77
N PRO A 148 17.63 -13.47 -1.74
CA PRO A 148 19.04 -13.13 -2.02
C PRO A 148 19.20 -11.68 -2.49
N VAL A 149 20.18 -10.99 -1.94
CA VAL A 149 20.55 -9.64 -2.39
C VAL A 149 22.06 -9.53 -2.59
N ARG A 150 22.49 -8.51 -3.34
CA ARG A 150 23.91 -8.38 -3.68
C ARG A 150 24.76 -7.79 -2.55
N ASP A 151 25.94 -8.37 -2.35
CA ASP A 151 26.90 -7.93 -1.35
C ASP A 151 28.27 -8.54 -1.63
N ILE A 154 29.86 -10.40 0.82
CA ILE A 154 29.49 -11.81 0.93
C ILE A 154 29.30 -12.46 -0.45
N LYS A 155 29.97 -13.60 -0.65
CA LYS A 155 29.91 -14.34 -1.91
C LYS A 155 28.74 -15.32 -1.92
N LEU A 156 27.96 -15.28 -3.00
CA LEU A 156 26.74 -16.07 -3.12
C LEU A 156 26.97 -17.40 -3.86
N SER A 157 26.19 -18.40 -3.50
CA SER A 157 26.18 -19.70 -4.19
C SER A 157 25.52 -19.58 -5.56
N PRO A 158 25.84 -20.50 -6.49
CA PRO A 158 25.22 -20.43 -7.83
C PRO A 158 23.68 -20.44 -7.82
N GLU A 159 23.06 -21.13 -6.87
CA GLU A 159 21.60 -21.16 -6.81
C GLU A 159 21.02 -19.82 -6.34
N GLU A 160 21.66 -19.20 -5.35
CA GLU A 160 21.29 -17.85 -4.92
C GLU A 160 21.33 -16.86 -6.08
N GLU A 161 22.32 -17.03 -6.96
CA GLU A 161 22.52 -16.13 -8.08
C GLU A 161 21.38 -16.25 -9.09
N GLU A 162 20.85 -17.46 -9.25
CA GLU A 162 19.69 -17.71 -10.10
C GLU A 162 18.49 -16.82 -9.74
N TYR A 163 18.30 -16.59 -8.45
CA TYR A 163 17.11 -15.90 -7.96
C TYR A 163 17.38 -14.42 -7.70
N LEU A 164 18.61 -13.99 -7.94
CA LEU A 164 18.99 -12.60 -7.63
C LEU A 164 18.19 -11.61 -8.46
N ASP A 165 17.86 -11.98 -9.68
CA ASP A 165 17.22 -11.06 -10.60
C ASP A 165 15.83 -11.53 -11.00
N SER A 166 15.26 -12.44 -10.21
CA SER A 166 13.88 -12.87 -10.46
C SER A 166 12.90 -11.70 -10.30
N GLY A 167 11.88 -11.66 -11.13
CA GLY A 167 10.81 -10.70 -10.94
C GLY A 167 10.08 -10.92 -9.61
N TRP A 168 10.00 -12.19 -9.20
CA TRP A 168 9.27 -12.54 -7.98
C TRP A 168 10.14 -12.45 -6.72
N ASN A 169 11.41 -12.08 -6.89
CA ASN A 169 12.22 -11.64 -5.76
C ASN A 169 11.69 -10.26 -5.36
N LEU A 170 11.10 -10.15 -4.17
CA LEU A 170 10.33 -8.94 -3.85
C LEU A 170 11.20 -7.66 -3.66
N ASN A 171 12.53 -7.80 -3.63
CA ASN A 171 13.39 -6.63 -3.70
C ASN A 171 13.39 -5.98 -5.09
N ASN A 172 13.25 -6.80 -6.11
CA ASN A 172 13.33 -6.32 -7.49
C ASN A 172 12.04 -5.67 -8.02
N MET A 173 10.91 -6.28 -7.72
CA MET A 173 9.64 -5.88 -8.34
C MET A 173 9.27 -4.39 -8.23
N PRO A 174 9.58 -3.73 -7.09
CA PRO A 174 9.38 -2.27 -7.09
C PRO A 174 10.16 -1.49 -8.16
N VAL A 175 11.34 -1.97 -8.58
CA VAL A 175 12.20 -1.18 -9.46
C VAL A 175 12.30 -1.74 -10.89
N MET A 176 11.34 -2.58 -11.28
CA MET A 176 11.25 -3.05 -12.67
C MET A 176 10.51 -2.00 -13.52
N GLU A 177 10.43 -2.21 -14.84
CA GLU A 177 10.02 -1.08 -15.67
C GLU A 177 8.59 -1.18 -16.25
N GLN A 178 7.79 -2.10 -15.74
CA GLN A 178 6.35 -2.03 -16.02
C GLN A 178 5.60 -1.62 -14.76
N SER A 179 6.38 -1.34 -13.72
CA SER A 179 5.87 -0.68 -12.54
C SER A 179 6.06 0.84 -12.68
N VAL A 180 5.21 1.63 -12.03
CA VAL A 180 5.26 3.10 -12.23
C VAL A 180 5.84 3.83 -11.03
N LEU A 181 6.03 3.11 -9.92
CA LEU A 181 6.51 3.71 -8.66
C LEU A 181 8.05 3.70 -8.54
N ALA A 182 8.72 3.24 -9.59
CA ALA A 182 10.17 3.08 -9.59
C ALA A 182 10.89 4.41 -9.70
N HIS A 183 10.32 5.30 -10.49
N HIS A 183 10.34 5.29 -10.52
CA HIS A 183 11.00 6.53 -10.86
CA HIS A 183 11.02 6.53 -10.87
C HIS A 183 10.75 7.62 -9.84
C HIS A 183 10.77 7.62 -9.84
N ILE A 184 9.95 7.31 -8.83
CA ILE A 184 9.77 8.23 -7.69
C ILE A 184 11.15 8.39 -7.05
N THR A 185 11.58 9.63 -6.90
CA THR A 185 12.87 9.91 -6.29
C THR A 185 12.65 10.37 -4.85
N ALA A 186 11.40 10.75 -4.55
CA ALA A 186 11.02 11.12 -3.19
C ALA A 186 11.29 9.99 -2.20
N ASP A 187 11.60 10.35 -0.96
CA ASP A 187 11.88 9.38 0.09
C ASP A 187 10.57 8.77 0.59
N ILE A 188 10.34 7.50 0.24
CA ILE A 188 9.15 6.79 0.68
C ILE A 188 9.51 5.35 1.09
N CYS A 189 10.35 5.23 2.12
CA CYS A 189 10.87 3.94 2.58
C CYS A 189 9.76 2.92 2.90
N GLY A 190 8.68 3.39 3.51
CA GLY A 190 7.58 2.51 3.87
C GLY A 190 6.90 1.86 2.69
N MET A 191 7.11 2.41 1.50
CA MET A 191 6.30 2.07 0.34
C MET A 191 7.05 1.39 -0.82
N LYS A 192 8.36 1.50 -0.87
CA LYS A 192 9.12 0.88 -1.96
C LYS A 192 9.97 -0.29 -1.46
N LEU A 193 10.13 -0.37 -0.14
CA LEU A 193 10.98 -1.38 0.47
C LEU A 193 10.13 -2.51 1.05
N PRO A 194 10.66 -3.73 1.03
CA PRO A 194 9.96 -4.88 1.64
C PRO A 194 9.83 -4.76 3.16
N TRP A 195 8.71 -5.23 3.69
CA TRP A 195 8.56 -5.42 5.13
C TRP A 195 8.68 -6.90 5.48
N LEU A 196 9.23 -7.18 6.65
CA LEU A 196 9.42 -8.52 7.16
C LEU A 196 8.48 -8.78 8.34
N TYR A 197 7.79 -9.93 8.33
CA TYR A 197 6.84 -10.27 9.40
C TYR A 197 7.12 -11.62 10.08
N VAL A 198 7.36 -11.61 11.38
CA VAL A 198 7.54 -12.83 12.17
C VAL A 198 6.25 -13.14 12.97
N GLY A 199 5.53 -14.21 12.59
CA GLY A 199 4.26 -14.53 13.23
C GLY A 199 4.29 -15.62 14.33
N MET A 200 3.24 -15.66 15.16
CA MET A 200 3.00 -16.76 16.11
C MET A 200 1.50 -17.08 16.11
N CYS A 201 1.08 -18.15 16.79
CA CYS A 201 -0.35 -18.55 16.78
C CYS A 201 -1.25 -17.37 17.22
N PHE A 202 -2.27 -17.05 16.39
CA PHE A 202 -3.26 -15.97 16.62
C PHE A 202 -2.76 -14.51 16.39
N SER A 203 -1.46 -14.27 16.17
CA SER A 203 -1.02 -12.89 15.89
C SER A 203 -1.73 -12.47 14.61
N SER A 204 -2.24 -11.25 14.57
N SER A 204 -2.21 -11.23 14.57
CA SER A 204 -3.15 -10.92 13.50
CA SER A 204 -3.24 -10.84 13.63
C SER A 204 -2.94 -9.54 12.88
C SER A 204 -2.97 -9.51 12.91
N PHE A 205 -3.42 -9.39 11.66
CA PHE A 205 -3.38 -8.10 10.96
C PHE A 205 -4.81 -7.61 10.74
N CYS A 206 -5.10 -6.39 11.23
CA CYS A 206 -6.47 -5.84 11.20
C CYS A 206 -6.94 -5.46 9.79
N TRP A 207 -8.25 -5.29 9.63
CA TRP A 207 -8.83 -4.88 8.34
C TRP A 207 -8.20 -3.57 7.83
N HIS A 208 -7.71 -3.57 6.60
CA HIS A 208 -7.15 -2.33 6.01
C HIS A 208 -7.06 -2.42 4.49
N ILE A 209 -6.77 -1.28 3.86
CA ILE A 209 -6.36 -1.22 2.46
C ILE A 209 -5.00 -0.51 2.38
N GLU A 210 -4.28 -0.68 1.26
CA GLU A 210 -2.92 -0.16 1.18
C GLU A 210 -2.93 1.35 0.90
N ASP A 211 -1.86 2.02 1.32
CA ASP A 211 -1.67 3.43 1.00
C ASP A 211 -1.78 3.68 -0.52
N HIS A 212 -2.48 4.77 -0.87
CA HIS A 212 -2.76 5.15 -2.26
C HIS A 212 -3.45 4.05 -3.07
N TRP A 213 -4.16 3.16 -2.38
CA TRP A 213 -4.89 2.06 -3.03
C TRP A 213 -3.98 1.20 -3.94
N SER A 214 -2.72 1.03 -3.55
CA SER A 214 -1.82 0.20 -4.35
C SER A 214 -2.12 -1.30 -4.22
N TYR A 215 -1.51 -2.10 -5.10
CA TYR A 215 -1.40 -3.56 -4.93
C TYR A 215 -0.48 -3.91 -3.78
N SER A 216 -0.60 -5.14 -3.24
CA SER A 216 0.47 -5.68 -2.41
C SER A 216 0.69 -7.15 -2.81
N ILE A 217 1.88 -7.66 -2.54
CA ILE A 217 2.22 -9.05 -2.82
C ILE A 217 3.00 -9.56 -1.59
N ASN A 218 2.61 -10.73 -1.09
N ASN A 218 2.70 -10.80 -1.22
CA ASN A 218 3.13 -11.33 0.17
CA ASN A 218 3.10 -11.35 0.06
C ASN A 218 3.68 -12.72 -0.11
C ASN A 218 3.66 -12.76 -0.11
N TYR A 219 4.89 -12.99 0.36
CA TYR A 219 5.51 -14.30 0.24
C TYR A 219 5.76 -14.89 1.61
N LEU A 220 5.26 -16.12 1.80
CA LEU A 220 5.52 -16.84 3.04
C LEU A 220 6.78 -17.70 2.86
N HIS A 221 7.89 -17.31 3.48
CA HIS A 221 9.16 -18.00 3.29
C HIS A 221 9.14 -19.43 3.90
N TRP A 222 8.66 -19.53 5.14
CA TRP A 222 8.58 -20.81 5.84
C TRP A 222 7.69 -20.74 7.09
N GLY A 223 7.36 -21.93 7.61
CA GLY A 223 6.61 -22.06 8.86
C GLY A 223 5.17 -22.47 8.64
N GLU A 224 4.36 -22.30 9.69
CA GLU A 224 2.95 -22.69 9.64
C GLU A 224 2.12 -21.66 8.85
N PRO A 225 0.92 -22.04 8.40
CA PRO A 225 0.24 -21.17 7.42
C PRO A 225 -0.26 -19.81 7.96
N LYS A 226 -0.60 -18.93 7.02
CA LYS A 226 -1.20 -17.63 7.30
C LYS A 226 -2.61 -17.63 6.73
N THR A 227 -3.61 -17.35 7.56
CA THR A 227 -5.00 -17.38 7.11
C THR A 227 -5.49 -15.98 6.69
N TRP A 228 -6.09 -15.84 5.50
CA TRP A 228 -6.46 -14.53 4.93
C TRP A 228 -7.96 -14.39 4.73
N TYR A 229 -8.50 -13.18 4.97
CA TYR A 229 -9.84 -12.82 4.47
C TYR A 229 -9.74 -11.59 3.54
N GLY A 230 -10.48 -11.60 2.43
CA GLY A 230 -10.40 -10.53 1.44
C GLY A 230 -11.75 -10.10 0.89
N VAL A 231 -11.86 -8.82 0.54
CA VAL A 231 -13.08 -8.21 0.01
C VAL A 231 -12.74 -7.46 -1.29
N PRO A 232 -13.55 -7.64 -2.36
CA PRO A 232 -13.17 -6.98 -3.62
C PRO A 232 -13.26 -5.44 -3.57
N GLY A 233 -12.46 -4.77 -4.40
CA GLY A 233 -12.45 -3.31 -4.46
C GLY A 233 -13.80 -2.62 -4.60
N TYR A 234 -14.71 -3.21 -5.35
CA TYR A 234 -16.00 -2.58 -5.60
C TYR A 234 -16.86 -2.50 -4.34
N ALA A 235 -16.51 -3.27 -3.31
CA ALA A 235 -17.33 -3.32 -2.10
C ALA A 235 -16.70 -2.54 -0.96
N ALA A 236 -15.63 -1.78 -1.24
CA ALA A 236 -14.90 -1.05 -0.18
C ALA A 236 -15.81 -0.14 0.67
N GLU A 237 -16.67 0.63 0.00
CA GLU A 237 -17.53 1.57 0.74
C GLU A 237 -18.67 0.86 1.50
N GLN A 238 -19.15 -0.27 0.99
CA GLN A 238 -20.11 -1.08 1.78
C GLN A 238 -19.49 -1.50 3.10
N LEU A 239 -18.25 -2.01 3.04
CA LEU A 239 -17.55 -2.46 4.24
C LEU A 239 -17.39 -1.33 5.25
N GLU A 240 -17.01 -0.15 4.74
CA GLU A 240 -16.78 0.99 5.63
C GLU A 240 -18.06 1.46 6.31
N ASN A 241 -19.16 1.43 5.57
CA ASN A 241 -20.47 1.75 6.19
C ASN A 241 -20.82 0.80 7.32
N VAL A 242 -20.61 -0.51 7.12
CA VAL A 242 -20.83 -1.48 8.19
C VAL A 242 -19.91 -1.20 9.37
N MET A 243 -18.64 -0.90 9.11
CA MET A 243 -17.67 -0.62 10.16
C MET A 243 -18.04 0.64 10.96
N LYS A 244 -18.52 1.65 10.25
CA LYS A 244 -18.89 2.91 10.87
C LYS A 244 -20.06 2.73 11.84
N LYS A 245 -21.03 1.91 11.46
CA LYS A 245 -22.17 1.64 12.34
C LYS A 245 -21.74 0.94 13.64
N LEU A 246 -20.89 -0.09 13.51
CA LEU A 246 -20.53 -0.93 14.65
C LEU A 246 -19.34 -0.44 15.48
N ALA A 247 -18.55 0.49 14.94
CA ALA A 247 -17.38 0.99 15.68
C ALA A 247 -16.93 2.39 15.22
N PRO A 248 -17.75 3.42 15.49
CA PRO A 248 -17.54 4.80 15.00
C PRO A 248 -16.26 5.47 15.52
N GLU A 249 -15.68 4.96 16.60
CA GLU A 249 -14.44 5.50 17.15
C GLU A 249 -13.29 5.46 16.14
N LEU A 250 -13.27 4.41 15.31
CA LEU A 250 -12.21 4.25 14.31
C LEU A 250 -12.22 5.34 13.23
N PHE A 251 -13.30 6.13 13.20
CA PHE A 251 -13.50 7.04 12.10
C PHE A 251 -13.30 8.53 12.46
N VAL A 252 -13.04 8.81 13.74
CA VAL A 252 -12.73 10.17 14.15
C VAL A 252 -11.41 10.63 13.50
N SER A 253 -11.28 11.94 13.31
CA SER A 253 -10.14 12.51 12.59
C SER A 253 -8.83 12.29 13.35
N GLN A 254 -7.73 12.24 12.60
CA GLN A 254 -6.44 11.89 13.16
C GLN A 254 -5.33 12.84 12.69
N PRO A 255 -4.44 13.26 13.63
CA PRO A 255 -3.44 14.28 13.35
C PRO A 255 -2.35 13.88 12.35
N ASP A 256 -2.20 12.59 12.04
CA ASP A 256 -1.22 12.16 11.04
C ASP A 256 -1.36 10.71 10.56
N LEU A 257 -0.36 10.28 9.80
CA LEU A 257 -0.29 8.94 9.21
C LEU A 257 0.16 7.89 10.21
N LEU A 258 0.81 8.33 11.27
CA LEU A 258 1.32 7.44 12.32
C LEU A 258 0.24 7.19 13.37
N HIS A 259 -1.01 7.37 12.98
CA HIS A 259 -2.09 7.41 13.95
C HIS A 259 -3.39 6.77 13.42
N GLN A 260 -3.32 6.18 12.23
CA GLN A 260 -4.44 5.43 11.65
C GLN A 260 -4.99 4.37 12.61
N LEU A 261 -6.31 4.28 12.75
CA LEU A 261 -6.92 3.31 13.66
C LEU A 261 -7.55 2.15 12.87
N VAL A 262 -7.33 0.92 13.33
CA VAL A 262 -7.84 -0.27 12.65
C VAL A 262 -8.37 -1.30 13.67
N THR A 263 -9.08 -2.33 13.20
CA THR A 263 -9.67 -3.30 14.10
C THR A 263 -9.87 -4.72 13.53
N ILE A 264 -10.00 -5.69 14.44
CA ILE A 264 -10.45 -7.06 14.14
C ILE A 264 -11.96 -7.12 14.01
N MET A 265 -12.48 -7.75 12.95
CA MET A 265 -13.93 -7.94 12.82
C MET A 265 -14.29 -9.24 12.08
N ASN A 266 -15.20 -10.00 12.67
CA ASN A 266 -15.61 -11.31 12.13
C ASN A 266 -16.14 -11.18 10.72
N PRO A 267 -15.57 -11.93 9.76
CA PRO A 267 -16.11 -11.82 8.39
C PRO A 267 -17.59 -12.23 8.27
N ASN A 268 -18.09 -13.10 9.17
CA ASN A 268 -19.52 -13.47 9.14
C ASN A 268 -20.42 -12.23 9.39
N THR A 269 -19.94 -11.29 10.19
CA THR A 269 -20.65 -10.03 10.39
C THR A 269 -20.79 -9.26 9.08
N LEU A 270 -19.71 -9.18 8.30
CA LEU A 270 -19.75 -8.51 7.00
C LEU A 270 -20.71 -9.22 6.03
N MET A 271 -20.60 -10.55 5.98
CA MET A 271 -21.43 -11.36 5.09
C MET A 271 -22.94 -11.24 5.42
N THR A 272 -23.25 -11.06 6.70
CA THR A 272 -24.63 -10.86 7.14
C THR A 272 -25.17 -9.54 6.58
N HIS A 273 -24.29 -8.55 6.45
CA HIS A 273 -24.67 -7.25 5.88
C HIS A 273 -24.39 -7.16 4.39
N GLU A 274 -24.32 -8.33 3.74
CA GLU A 274 -24.22 -8.46 2.29
C GLU A 274 -22.93 -7.93 1.65
N VAL A 275 -21.85 -7.93 2.42
CA VAL A 275 -20.51 -7.69 1.88
C VAL A 275 -19.85 -9.02 1.47
N PRO A 276 -19.44 -9.14 0.21
CA PRO A 276 -18.76 -10.37 -0.22
C PRO A 276 -17.36 -10.54 0.38
N VAL A 277 -17.10 -11.72 0.96
CA VAL A 277 -15.82 -12.03 1.60
C VAL A 277 -15.28 -13.38 1.13
N TYR A 278 -13.97 -13.48 0.90
CA TYR A 278 -13.32 -14.75 0.51
C TYR A 278 -12.20 -15.07 1.49
N ARG A 279 -11.77 -16.34 1.52
CA ARG A 279 -10.72 -16.77 2.45
C ARG A 279 -9.64 -17.58 1.74
N THR A 280 -8.49 -17.74 2.39
CA THR A 280 -7.53 -18.76 1.99
C THR A 280 -6.55 -19.05 3.12
N ASN A 281 -5.95 -20.24 3.11
CA ASN A 281 -4.76 -20.54 3.92
C ASN A 281 -3.55 -20.49 3.00
N GLN A 282 -2.63 -19.57 3.30
CA GLN A 282 -1.40 -19.43 2.55
C GLN A 282 -0.35 -20.31 3.21
N CYS A 283 0.20 -21.28 2.49
CA CYS A 283 1.26 -22.12 3.04
C CYS A 283 2.64 -21.68 2.54
N ALA A 284 3.69 -22.20 3.18
CA ALA A 284 5.07 -21.88 2.83
C ALA A 284 5.35 -22.11 1.34
N GLY A 285 6.05 -21.16 0.70
CA GLY A 285 6.31 -21.21 -0.74
C GLY A 285 5.20 -20.64 -1.60
N GLU A 286 4.14 -20.11 -0.99
CA GLU A 286 3.05 -19.53 -1.80
C GLU A 286 2.96 -17.98 -1.68
N PHE A 287 2.43 -17.35 -2.73
CA PHE A 287 2.19 -15.90 -2.79
C PHE A 287 0.71 -15.61 -2.61
N VAL A 288 0.41 -14.53 -1.87
CA VAL A 288 -0.92 -13.91 -1.91
C VAL A 288 -0.79 -12.49 -2.52
N ILE A 289 -1.69 -12.14 -3.44
CA ILE A 289 -1.71 -10.82 -4.06
C ILE A 289 -3.00 -10.10 -3.69
N THR A 290 -2.92 -8.85 -3.23
CA THR A 290 -4.13 -8.04 -3.01
C THR A 290 -4.25 -6.93 -4.07
N PHE A 291 -5.47 -6.67 -4.52
CA PHE A 291 -5.72 -5.70 -5.60
C PHE A 291 -6.11 -4.30 -5.07
N PRO A 292 -6.06 -3.27 -5.94
CA PRO A 292 -6.38 -1.90 -5.48
C PRO A 292 -7.71 -1.74 -4.71
N ARG A 293 -7.63 -1.13 -3.53
CA ARG A 293 -8.78 -0.85 -2.67
C ARG A 293 -9.51 -2.12 -2.17
N ALA A 294 -8.82 -3.26 -2.20
CA ALA A 294 -9.37 -4.52 -1.66
C ALA A 294 -9.06 -4.67 -0.17
N TYR A 295 -10.09 -4.54 0.68
CA TYR A 295 -9.89 -4.72 2.12
C TYR A 295 -9.42 -6.15 2.44
N HIS A 296 -8.51 -6.31 3.41
CA HIS A 296 -8.08 -7.64 3.82
C HIS A 296 -7.64 -7.64 5.28
N SER A 297 -7.66 -8.83 5.89
CA SER A 297 -7.24 -9.06 7.27
C SER A 297 -6.91 -10.55 7.46
N GLY A 298 -6.40 -10.93 8.63
CA GLY A 298 -6.09 -12.34 8.87
C GLY A 298 -5.32 -12.61 10.14
N PHE A 299 -4.77 -13.83 10.26
CA PHE A 299 -4.02 -14.20 11.46
C PHE A 299 -3.10 -15.40 11.13
N ASN A 300 -2.04 -15.57 11.91
CA ASN A 300 -1.13 -16.68 11.74
C ASN A 300 -1.55 -17.94 12.53
N GLN A 301 -1.36 -19.10 11.91
CA GLN A 301 -1.61 -20.39 12.53
C GLN A 301 -0.55 -20.83 13.54
N GLY A 302 0.65 -20.28 13.43
CA GLY A 302 1.77 -20.66 14.29
C GLY A 302 3.00 -19.87 13.88
N PHE A 303 4.16 -20.27 14.40
CA PHE A 303 5.47 -19.62 14.12
C PHE A 303 5.75 -19.63 12.60
N ASN A 304 6.02 -18.44 12.05
CA ASN A 304 6.29 -18.34 10.62
C ASN A 304 7.00 -17.04 10.21
N PHE A 305 7.35 -16.92 8.94
CA PHE A 305 8.17 -15.79 8.46
C PHE A 305 7.79 -15.41 7.05
N ALA A 306 7.34 -14.15 6.91
CA ALA A 306 6.78 -13.66 5.66
C ALA A 306 7.45 -12.33 5.26
N GLU A 307 7.29 -11.98 3.98
CA GLU A 307 7.90 -10.77 3.40
C GLU A 307 6.91 -10.23 2.37
N ALA A 308 6.72 -8.91 2.36
CA ALA A 308 5.68 -8.29 1.54
C ALA A 308 6.11 -6.91 1.00
N VAL A 309 5.52 -6.48 -0.10
CA VAL A 309 5.88 -5.18 -0.69
C VAL A 309 4.71 -4.59 -1.48
N ASN A 310 4.56 -3.26 -1.44
CA ASN A 310 3.56 -2.55 -2.24
C ASN A 310 4.02 -2.42 -3.68
N PHE A 311 3.10 -2.34 -4.64
CA PHE A 311 3.50 -1.98 -5.99
C PHE A 311 2.34 -1.43 -6.81
N CYS A 312 2.69 -0.78 -7.91
CA CYS A 312 1.72 -0.07 -8.75
C CYS A 312 1.98 -0.32 -10.24
N THR A 313 0.97 -0.80 -10.94
CA THR A 313 1.06 -1.08 -12.37
C THR A 313 0.40 0.04 -13.17
N VAL A 314 0.44 -0.04 -14.50
CA VAL A 314 -0.20 0.96 -15.36
C VAL A 314 -1.71 0.93 -15.20
N ASP A 315 -2.26 -0.25 -14.91
CA ASP A 315 -3.68 -0.41 -14.62
C ASP A 315 -4.13 0.48 -13.45
N TRP A 316 -3.23 0.66 -12.48
CA TRP A 316 -3.56 1.35 -11.24
C TRP A 316 -3.64 2.89 -11.39
N LEU A 317 -2.94 3.46 -12.38
CA LEU A 317 -2.79 4.94 -12.45
C LEU A 317 -4.08 5.77 -12.26
N PRO A 318 -5.17 5.42 -12.97
CA PRO A 318 -6.38 6.22 -12.75
C PRO A 318 -6.94 6.12 -11.32
N LEU A 319 -6.83 4.94 -10.70
CA LEU A 319 -7.30 4.77 -9.33
C LEU A 319 -6.47 5.58 -8.36
N GLY A 320 -5.18 5.67 -8.65
CA GLY A 320 -4.30 6.51 -7.85
C GLY A 320 -4.75 7.96 -7.79
N ARG A 321 -5.22 8.49 -8.93
CA ARG A 321 -5.75 9.87 -8.98
C ARG A 321 -7.04 9.96 -8.17
N GLN A 322 -7.92 8.97 -8.33
N GLN A 322 -7.94 8.99 -8.33
CA GLN A 322 -9.17 8.94 -7.58
CA GLN A 322 -9.19 8.97 -7.55
C GLN A 322 -8.93 8.79 -6.07
C GLN A 322 -8.90 8.84 -6.05
N CYS A 323 -7.89 8.05 -5.70
CA CYS A 323 -7.53 7.91 -4.28
C CYS A 323 -7.12 9.24 -3.66
N VAL A 324 -6.29 10.03 -4.35
CA VAL A 324 -5.86 11.31 -3.80
C VAL A 324 -7.03 12.29 -3.63
N GLU A 325 -7.96 12.25 -4.56
CA GLU A 325 -9.23 12.97 -4.44
C GLU A 325 -10.03 12.54 -3.20
N HIS A 326 -10.13 11.23 -2.99
CA HIS A 326 -10.80 10.70 -1.81
C HIS A 326 -10.10 11.12 -0.51
N TYR A 327 -8.76 11.10 -0.48
CA TYR A 327 -8.03 11.59 0.69
C TYR A 327 -8.37 13.06 1.00
N ARG A 328 -8.58 13.86 -0.04
CA ARG A 328 -8.85 15.29 0.13
C ARG A 328 -10.19 15.50 0.83
N LEU A 329 -11.23 14.83 0.31
CA LEU A 329 -12.55 14.81 0.95
C LEU A 329 -12.49 14.37 2.42
N LEU A 330 -11.61 13.43 2.74
CA LEU A 330 -11.48 12.93 4.11
C LEU A 330 -10.47 13.70 4.96
N HIS A 331 -9.79 14.68 4.36
CA HIS A 331 -8.71 15.39 5.06
C HIS A 331 -7.59 14.44 5.52
N ARG A 332 -7.27 13.42 4.72
CA ARG A 332 -6.23 12.43 5.06
C ARG A 332 -4.86 12.77 4.42
N TYR A 333 -3.77 12.59 5.17
CA TYR A 333 -2.41 12.84 4.64
C TYR A 333 -2.03 11.89 3.50
N CYS A 334 -1.25 12.39 2.53
CA CYS A 334 -0.75 11.59 1.41
C CYS A 334 0.64 11.07 1.77
N VAL A 335 1.05 9.95 1.16
CA VAL A 335 2.42 9.47 1.33
C VAL A 335 3.36 10.17 0.33
N PHE A 336 2.86 10.43 -0.88
CA PHE A 336 3.59 11.19 -1.91
C PHE A 336 2.61 11.99 -2.76
N SER A 337 3.13 12.89 -3.59
CA SER A 337 2.31 13.60 -4.57
C SER A 337 2.16 12.81 -5.86
N HIS A 338 0.92 12.48 -6.22
CA HIS A 338 0.62 11.76 -7.45
C HIS A 338 0.99 12.59 -8.71
N ASP A 339 0.64 13.88 -8.71
CA ASP A 339 1.00 14.74 -9.85
C ASP A 339 2.53 14.84 -10.03
N GLU A 340 3.25 14.90 -8.91
CA GLU A 340 4.71 14.97 -8.97
C GLU A 340 5.27 13.72 -9.64
N MET A 341 4.71 12.55 -9.31
CA MET A 341 5.19 11.31 -9.90
C MET A 341 4.92 11.29 -11.41
N ILE A 342 3.74 11.77 -11.79
CA ILE A 342 3.36 11.83 -13.20
C ILE A 342 4.32 12.74 -14.01
N CYS A 343 4.60 13.94 -13.49
CA CYS A 343 5.50 14.89 -14.16
C CYS A 343 6.93 14.38 -14.19
N LYS A 344 7.35 13.65 -13.16
CA LYS A 344 8.69 13.07 -13.15
C LYS A 344 8.82 12.04 -14.29
N MET A 345 7.80 11.23 -14.48
CA MET A 345 7.84 10.28 -15.59
C MET A 345 7.80 10.97 -16.97
N ALA A 346 6.90 11.95 -17.15
CA ALA A 346 6.88 12.73 -18.39
C ALA A 346 8.27 13.31 -18.71
N SER A 347 8.98 13.77 -17.69
CA SER A 347 10.32 14.32 -17.90
C SER A 347 11.37 13.28 -18.26
N LYS A 348 11.03 12.00 -18.16
CA LYS A 348 11.94 10.93 -18.57
C LYS A 348 11.33 10.11 -19.72
N ALA A 349 10.45 10.74 -20.49
CA ALA A 349 9.66 10.04 -21.50
C ALA A 349 10.49 9.18 -22.47
N ASP A 350 11.70 9.61 -22.78
CA ASP A 350 12.50 8.88 -23.77
C ASP A 350 13.02 7.51 -23.29
N VAL A 351 13.08 7.28 -21.98
CA VAL A 351 13.55 5.98 -21.48
C VAL A 351 12.42 5.12 -20.91
N LEU A 352 11.18 5.58 -21.05
CA LEU A 352 10.04 4.84 -20.51
C LEU A 352 9.66 3.67 -21.41
N ASP A 353 9.19 2.59 -20.79
CA ASP A 353 8.50 1.53 -21.52
C ASP A 353 7.37 2.16 -22.33
N VAL A 354 7.03 1.59 -23.49
CA VAL A 354 6.10 2.27 -24.38
C VAL A 354 4.63 2.15 -23.96
N VAL A 355 4.26 1.08 -23.26
CA VAL A 355 2.90 0.99 -22.74
C VAL A 355 2.74 1.94 -21.55
N VAL A 356 3.77 2.03 -20.74
CA VAL A 356 3.81 3.01 -19.65
C VAL A 356 3.63 4.42 -20.20
N ALA A 357 4.39 4.77 -21.23
CA ALA A 357 4.33 6.11 -21.82
C ALA A 357 2.91 6.42 -22.26
N SER A 358 2.25 5.45 -22.89
CA SER A 358 0.89 5.65 -23.36
C SER A 358 -0.14 5.89 -22.24
N THR A 359 0.01 5.15 -21.15
CA THR A 359 -0.92 5.24 -20.02
C THR A 359 -0.66 6.51 -19.18
N VAL A 360 0.61 6.87 -18.98
CA VAL A 360 0.95 8.13 -18.32
C VAL A 360 0.37 9.33 -19.08
N GLN A 361 0.42 9.25 -20.41
CA GLN A 361 -0.07 10.34 -21.24
C GLN A 361 -1.57 10.64 -21.01
N LYS A 362 -2.38 9.58 -20.91
CA LYS A 362 -3.81 9.74 -20.62
C LYS A 362 -4.08 10.39 -19.26
N ASP A 363 -3.35 9.98 -18.23
CA ASP A 363 -3.55 10.58 -16.90
C ASP A 363 -3.07 12.04 -16.90
N MET A 364 -1.99 12.32 -17.63
N MET A 364 -1.98 12.30 -17.62
CA MET A 364 -1.47 13.69 -17.73
CA MET A 364 -1.45 13.67 -17.78
C MET A 364 -2.49 14.63 -18.38
C MET A 364 -2.52 14.60 -18.35
N ALA A 365 -3.19 14.13 -19.39
CA ALA A 365 -4.22 14.93 -20.08
C ALA A 365 -5.36 15.32 -19.15
N ILE A 366 -5.78 14.39 -18.29
CA ILE A 366 -6.82 14.70 -17.31
C ILE A 366 -6.31 15.70 -16.27
N MET A 367 -5.08 15.50 -15.80
N MET A 367 -5.07 15.51 -15.81
CA MET A 367 -4.42 16.41 -14.86
CA MET A 367 -4.46 16.43 -14.86
C MET A 367 -4.45 17.84 -15.39
C MET A 367 -4.44 17.86 -15.39
N ILE A 368 -4.09 18.00 -16.66
CA ILE A 368 -3.96 19.33 -17.26
C ILE A 368 -5.33 20.00 -17.40
N GLU A 369 -6.33 19.27 -17.86
CA GLU A 369 -7.67 19.85 -17.96
C GLU A 369 -8.26 20.22 -16.59
N ASP A 370 -8.04 19.40 -15.56
CA ASP A 370 -8.51 19.78 -14.24
C ASP A 370 -7.77 21.03 -13.74
N GLU A 371 -6.47 21.14 -14.03
CA GLU A 371 -5.67 22.26 -13.52
C GLU A 371 -6.09 23.55 -14.23
N LYS A 372 -6.40 23.46 -15.52
N LYS A 372 -6.40 23.45 -15.52
CA LYS A 372 -6.90 24.61 -16.26
CA LYS A 372 -6.92 24.58 -16.28
C LYS A 372 -8.14 25.19 -15.61
C LYS A 372 -8.13 25.18 -15.60
N ALA A 373 -9.10 24.32 -15.29
CA ALA A 373 -10.34 24.74 -14.66
C ALA A 373 -10.12 25.37 -13.28
N LEU A 374 -9.21 24.80 -12.50
CA LEU A 374 -8.94 25.31 -11.16
C LEU A 374 -8.30 26.72 -11.20
N ARG A 375 -7.36 26.93 -12.12
N ARG A 375 -7.36 26.92 -12.12
CA ARG A 375 -6.69 28.24 -12.19
CA ARG A 375 -6.69 28.20 -12.28
C ARG A 375 -7.68 29.33 -12.65
C ARG A 375 -7.69 29.29 -12.63
N GLU A 376 -8.57 28.98 -13.57
CA GLU A 376 -9.59 29.95 -14.00
C GLU A 376 -10.49 30.36 -12.83
N THR A 377 -10.88 29.40 -12.02
CA THR A 377 -11.72 29.68 -10.85
C THR A 377 -11.04 30.61 -9.83
N VAL A 378 -9.75 30.39 -9.54
CA VAL A 378 -9.12 31.25 -8.54
C VAL A 378 -8.84 32.63 -9.14
N ARG A 379 -8.65 32.72 -10.45
CA ARG A 379 -8.50 34.03 -11.10
C ARG A 379 -9.79 34.86 -10.91
N LYS A 380 -10.95 34.22 -11.04
CA LYS A 380 -12.22 34.90 -10.88
C LYS A 380 -12.54 35.25 -9.44
N LEU A 381 -11.76 34.71 -8.50
CA LEU A 381 -11.95 35.04 -7.10
C LEU A 381 -11.11 36.25 -6.73
N GLY A 382 -10.29 36.69 -7.68
CA GLY A 382 -9.52 37.91 -7.50
C GLY A 382 -8.06 37.71 -7.12
N VAL A 383 -7.54 36.48 -7.28
CA VAL A 383 -6.11 36.24 -7.11
C VAL A 383 -5.41 36.59 -8.43
N ILE A 384 -4.51 37.57 -8.40
CA ILE A 384 -3.92 38.08 -9.64
C ILE A 384 -2.42 37.85 -9.73
N ASP A 385 -1.72 38.21 -8.65
CA ASP A 385 -0.28 38.01 -8.61
C ASP A 385 0.09 36.53 -8.66
N SER A 386 1.21 36.19 -9.29
CA SER A 386 1.65 34.80 -9.35
C SER A 386 3.17 34.70 -9.42
N GLU A 387 3.71 33.54 -9.03
CA GLU A 387 5.15 33.28 -9.10
C GLU A 387 5.44 31.78 -9.19
N ARG A 388 6.40 31.40 -10.03
N ARG A 388 6.42 31.40 -10.02
CA ARG A 388 6.77 29.98 -10.14
CA ARG A 388 6.83 30.01 -10.14
C ARG A 388 7.42 29.49 -8.83
C ARG A 388 7.43 29.50 -8.83
N MET A 389 7.21 28.23 -8.51
CA MET A 389 7.78 27.66 -7.27
C MET A 389 8.10 26.18 -7.43
N ASP A 390 9.33 25.78 -7.10
CA ASP A 390 9.73 24.36 -7.21
C ASP A 390 9.28 23.53 -5.99
N PHE A 391 7.98 23.18 -5.98
CA PHE A 391 7.37 22.45 -4.87
C PHE A 391 8.14 21.20 -4.44
N GLU A 392 8.77 20.49 -5.39
CA GLU A 392 9.41 19.22 -5.08
C GLU A 392 10.62 19.38 -4.13
N LEU A 393 11.10 20.61 -3.97
CA LEU A 393 12.24 20.88 -3.07
C LEU A 393 11.82 21.06 -1.61
N LEU A 394 10.54 21.34 -1.38
CA LEU A 394 10.01 21.52 -0.02
C LEU A 394 9.77 20.18 0.66
N PRO A 395 10.23 20.04 1.91
CA PRO A 395 9.80 18.91 2.75
C PRO A 395 8.28 18.81 2.74
N ASP A 396 7.75 17.59 2.70
CA ASP A 396 6.31 17.36 2.61
C ASP A 396 5.50 18.15 3.65
N ASP A 397 6.00 18.21 4.88
CA ASP A 397 5.29 18.88 5.95
C ASP A 397 5.30 20.40 5.76
N GLU A 398 6.07 20.88 4.78
CA GLU A 398 6.01 22.29 4.43
C GLU A 398 5.12 22.60 3.20
N ARG A 399 4.48 21.60 2.61
CA ARG A 399 3.59 21.88 1.48
C ARG A 399 2.25 21.15 1.53
N GLN A 400 1.69 21.02 2.72
CA GLN A 400 0.34 20.47 2.87
C GLN A 400 -0.69 21.58 2.97
N CYS A 401 -1.82 21.41 2.28
CA CYS A 401 -2.95 22.32 2.42
C CYS A 401 -3.37 22.41 3.89
N VAL A 402 -3.42 23.63 4.42
CA VAL A 402 -3.86 23.89 5.80
C VAL A 402 -5.21 23.24 6.13
N LYS A 403 -6.09 23.21 5.14
CA LYS A 403 -7.44 22.66 5.28
C LYS A 403 -7.55 21.14 5.06
N CYS A 404 -7.22 20.67 3.86
CA CYS A 404 -7.48 19.26 3.52
C CYS A 404 -6.26 18.34 3.61
N LYS A 405 -5.12 18.92 3.98
CA LYS A 405 -3.83 18.22 4.17
C LYS A 405 -3.21 17.58 2.89
N THR A 406 -3.76 17.84 1.71
CA THR A 406 -3.19 17.25 0.49
C THR A 406 -1.75 17.80 0.27
N THR A 407 -0.88 16.98 -0.32
CA THR A 407 0.47 17.39 -0.65
C THR A 407 0.45 18.19 -1.96
N CYS A 408 0.77 19.48 -1.89
CA CYS A 408 0.74 20.33 -3.10
C CYS A 408 1.91 20.09 -4.08
N PHE A 409 1.65 20.22 -5.39
CA PHE A 409 2.73 20.18 -6.37
C PHE A 409 2.44 21.04 -7.62
N MET A 410 1.28 20.87 -8.24
N MET A 410 1.29 20.84 -8.24
CA MET A 410 0.99 21.67 -9.45
CA MET A 410 0.87 21.64 -9.40
C MET A 410 0.76 23.15 -9.10
C MET A 410 0.85 23.13 -9.04
N SER A 411 0.10 23.43 -7.98
CA SER A 411 -0.09 24.82 -7.51
C SER A 411 -0.65 24.94 -6.09
N ALA A 412 -0.55 26.15 -5.53
CA ALA A 412 -1.08 26.49 -4.21
C ALA A 412 -1.24 28.01 -4.06
N ILE A 413 -1.95 28.43 -3.03
CA ILE A 413 -2.09 29.85 -2.68
C ILE A 413 -1.38 30.17 -1.37
N SER A 414 -0.63 31.28 -1.38
CA SER A 414 0.03 31.80 -0.20
C SER A 414 -0.42 33.25 0.09
N CYS A 415 -0.13 33.73 1.30
CA CYS A 415 -0.32 35.13 1.66
C CYS A 415 0.80 35.62 2.59
N SER A 416 1.35 36.81 2.32
CA SER A 416 2.40 37.41 3.16
C SER A 416 1.99 37.53 4.64
N CYS A 417 0.69 37.68 4.88
CA CYS A 417 0.11 37.63 6.22
C CYS A 417 0.42 36.35 7.03
N LYS A 418 0.42 35.18 6.39
CA LYS A 418 0.69 33.92 7.07
C LYS A 418 1.90 33.21 6.47
N PRO A 419 3.11 33.68 6.81
CA PRO A 419 4.32 33.20 6.15
C PRO A 419 4.47 31.68 6.26
N GLY A 420 4.68 31.01 5.13
CA GLY A 420 4.91 29.58 5.14
C GLY A 420 3.67 28.70 4.98
N LEU A 421 2.48 29.26 5.19
CA LEU A 421 1.26 28.47 5.04
C LEU A 421 0.74 28.43 3.59
N LEU A 422 0.10 27.31 3.25
CA LEU A 422 -0.45 27.11 1.92
C LEU A 422 -1.83 26.47 1.99
N VAL A 423 -2.65 26.78 0.99
CA VAL A 423 -3.86 26.01 0.70
C VAL A 423 -3.82 25.55 -0.75
N CYS A 424 -4.44 24.41 -1.04
CA CYS A 424 -4.59 23.96 -2.43
C CYS A 424 -5.66 24.83 -3.08
N LEU A 425 -5.87 24.68 -4.38
CA LEU A 425 -6.76 25.61 -5.07
C LEU A 425 -8.24 25.34 -4.78
N HIS A 426 -8.55 24.18 -4.19
CA HIS A 426 -9.92 23.90 -3.74
C HIS A 426 -10.29 24.69 -2.48
N HIS A 427 -9.30 25.18 -1.75
CA HIS A 427 -9.55 25.82 -0.46
C HIS A 427 -8.97 27.23 -0.31
N VAL A 428 -9.06 28.00 -1.40
CA VAL A 428 -8.63 29.40 -1.39
C VAL A 428 -9.27 30.22 -0.25
N LYS A 429 -10.52 29.93 0.11
CA LYS A 429 -11.20 30.70 1.19
C LYS A 429 -10.75 30.33 2.60
N GLU A 430 -9.85 29.36 2.75
CA GLU A 430 -9.51 28.84 4.09
C GLU A 430 -8.15 29.25 4.60
N LEU A 431 -7.47 30.14 3.88
CA LEU A 431 -6.12 30.52 4.26
C LEU A 431 -6.08 31.63 5.33
N CYS A 432 -6.85 32.71 5.12
CA CYS A 432 -6.88 33.84 6.07
C CYS A 432 -7.98 34.83 5.71
N SER A 433 -8.02 35.96 6.42
CA SER A 433 -9.10 36.93 6.25
C SER A 433 -8.75 38.11 5.31
N CYS A 434 -7.51 38.19 4.84
CA CYS A 434 -7.10 39.26 3.92
C CYS A 434 -7.87 39.17 2.60
N PRO A 435 -8.08 40.31 1.92
CA PRO A 435 -8.70 40.27 0.59
C PRO A 435 -7.81 39.54 -0.42
N PRO A 436 -8.42 38.81 -1.36
CA PRO A 436 -7.72 37.99 -2.35
C PRO A 436 -6.64 38.71 -3.17
N TYR A 437 -6.68 40.04 -3.29
CA TYR A 437 -5.62 40.69 -4.06
C TYR A 437 -4.28 40.66 -3.30
N LYS A 438 -4.33 40.35 -2.01
CA LYS A 438 -3.10 40.14 -1.22
C LYS A 438 -2.49 38.74 -1.41
N TYR A 439 -3.20 37.85 -2.10
CA TYR A 439 -2.76 36.46 -2.27
C TYR A 439 -1.83 36.30 -3.46
N LYS A 440 -1.14 35.17 -3.52
CA LYS A 440 -0.29 34.87 -4.65
C LYS A 440 -0.50 33.43 -5.09
N LEU A 441 -0.66 33.21 -6.40
CA LEU A 441 -0.66 31.87 -6.95
C LEU A 441 0.77 31.35 -7.15
N ARG A 442 1.14 30.27 -6.46
CA ARG A 442 2.44 29.61 -6.65
C ARG A 442 2.23 28.42 -7.55
N TYR A 443 2.99 28.33 -8.64
CA TYR A 443 2.75 27.26 -9.63
C TYR A 443 4.06 26.61 -10.06
N ARG A 444 4.03 25.31 -10.33
CA ARG A 444 5.24 24.62 -10.79
C ARG A 444 5.49 24.82 -12.30
N TYR A 445 4.44 24.77 -13.11
N TYR A 445 4.42 24.80 -13.09
CA TYR A 445 4.56 24.86 -14.57
CA TYR A 445 4.50 24.85 -14.55
C TYR A 445 3.46 25.74 -15.12
C TYR A 445 3.53 25.86 -15.18
N THR A 446 3.75 26.50 -16.18
N THR A 446 3.89 26.34 -16.37
CA THR A 446 2.68 27.16 -16.95
CA THR A 446 2.94 26.99 -17.28
C THR A 446 2.01 26.09 -17.81
C THR A 446 2.48 25.95 -18.29
N LEU A 447 0.75 26.33 -18.18
N LEU A 447 1.52 26.31 -19.14
CA LEU A 447 0.08 25.55 -19.23
CA LEU A 447 1.08 25.41 -20.20
C LEU A 447 0.99 25.25 -20.43
C LEU A 447 2.20 25.21 -21.24
N ASP A 448 1.67 26.29 -20.92
N ASP A 448 3.02 26.23 -21.42
CA ASP A 448 2.55 26.18 -22.08
CA ASP A 448 4.17 26.15 -22.33
C ASP A 448 3.77 25.29 -21.83
C ASP A 448 5.18 25.09 -21.89
N ASP A 449 4.20 25.16 -20.59
N ASP A 449 5.38 24.94 -20.58
CA ASP A 449 5.26 24.21 -20.23
CA ASP A 449 6.31 23.95 -20.06
C ASP A 449 4.73 22.76 -20.30
C ASP A 449 5.82 22.53 -20.35
N LEU A 450 3.45 22.58 -19.97
N LEU A 450 4.51 22.34 -20.30
CA LEU A 450 2.92 21.24 -19.78
CA LEU A 450 3.93 21.00 -20.33
C LEU A 450 2.60 20.47 -21.06
C LEU A 450 3.69 20.48 -21.75
N TYR A 451 2.11 21.17 -22.09
N TYR A 451 3.53 21.39 -22.72
CA TYR A 451 1.72 20.50 -23.33
CA TYR A 451 3.39 21.00 -24.13
C TYR A 451 2.89 19.86 -24.10
C TYR A 451 4.50 20.02 -24.57
N PRO A 452 4.08 20.50 -24.13
N PRO A 452 5.79 20.36 -24.36
CA PRO A 452 5.22 19.80 -24.74
CA PRO A 452 6.83 19.39 -24.74
C PRO A 452 5.67 18.54 -23.98
C PRO A 452 6.74 18.07 -23.98
N MET A 453 5.55 18.52 -22.65
N MET A 453 6.28 18.12 -22.73
CA MET A 453 5.95 17.36 -21.85
CA MET A 453 6.18 16.93 -21.89
C MET A 453 5.10 16.16 -22.30
C MET A 453 5.07 15.97 -22.32
N MET A 454 3.81 16.43 -22.45
CA MET A 454 2.81 15.48 -22.96
C MET A 454 3.14 14.97 -24.37
N ASN A 455 3.62 15.85 -25.24
CA ASN A 455 4.01 15.46 -26.60
C ASN A 455 5.18 14.49 -26.65
N ALA A 456 6.13 14.65 -25.74
CA ALA A 456 7.23 13.69 -25.65
C ALA A 456 6.66 12.31 -25.38
N LEU A 457 5.66 12.22 -24.50
CA LEU A 457 5.02 10.94 -24.16
C LEU A 457 4.33 10.33 -25.39
N LYS A 458 3.60 11.17 -26.13
CA LYS A 458 2.90 10.71 -27.33
C LYS A 458 3.88 10.13 -28.36
N LEU A 459 4.97 10.85 -28.62
CA LEU A 459 6.01 10.38 -29.55
C LEU A 459 6.64 9.06 -29.10
N ARG A 460 6.92 8.92 -27.81
CA ARG A 460 7.51 7.70 -27.29
C ARG A 460 6.51 6.55 -27.44
N ALA A 461 5.23 6.84 -27.21
CA ALA A 461 4.17 5.84 -27.31
C ALA A 461 3.78 5.54 -28.76
N GLU A 462 4.10 6.49 -29.65
CA GLU A 462 3.71 6.43 -31.07
C GLU A 462 2.20 6.38 -31.24
ZN ZN B . -7.00 21.74 0.24
ZN ZN C . -3.42 37.07 4.97
S DMS D . 3.84 -4.14 3.07
O DMS D . 3.32 -5.08 4.14
C1 DMS D . 3.41 -2.43 3.53
C2 DMS D . 2.78 -4.35 1.61
S DMS E . -2.44 -4.74 13.53
O DMS E . -2.56 -4.63 12.04
C1 DMS E . -1.88 -3.15 14.22
C2 DMS E . -0.98 -5.72 13.99
S DMS F . 9.67 17.41 -11.43
O DMS F . 9.43 16.43 -10.31
C1 DMS F . 9.87 16.49 -12.98
C2 DMS F . 11.31 18.16 -11.23
MN MN G . -1.96 -5.11 3.61
N1 EPE H . -10.62 5.05 6.06
C2 EPE H . -10.42 3.61 6.37
C3 EPE H . -9.72 3.48 7.71
N4 EPE H . -10.49 4.15 8.74
C5 EPE H . -10.98 5.50 8.48
C6 EPE H . -11.52 5.67 7.05
C7 EPE H . -10.55 3.59 10.08
C8 EPE H . -11.35 2.29 10.16
O8 EPE H . -10.56 1.14 9.94
C9 EPE H . -11.19 5.16 4.70
C10 EPE H . -10.25 4.48 3.71
S EPE H . -8.99 5.48 2.88
O1S EPE H . -7.69 4.82 2.95
O2S EPE H . -8.92 6.82 3.51
O3S EPE H . -9.37 5.62 1.48
C1 EDO I . 10.57 -8.13 12.38
O1 EDO I . 9.62 -9.04 11.80
C2 EDO I . 11.78 -8.01 11.46
O2 EDO I . 12.65 -6.99 11.94
C1 EDO J . -0.26 31.51 -13.86
O1 EDO J . -0.83 30.29 -14.36
C2 EDO J . 0.98 31.80 -14.70
O2 EDO J . 0.99 30.85 -15.78
C1 EDO K . -5.47 18.12 -9.68
O1 EDO K . -4.27 17.35 -9.75
C2 EDO K . -5.20 19.48 -10.31
O2 EDO K . -4.62 19.22 -11.59
C1 EDO L . -12.31 -0.20 -6.64
O1 EDO L . -13.22 -0.65 -7.64
C2 EDO L . -12.09 1.31 -6.76
O2 EDO L . -13.20 2.03 -6.23
C1 EDO M . -3.25 34.12 -11.03
O1 EDO M . -4.68 33.99 -10.86
C2 EDO M . -2.91 34.59 -12.45
O2 EDO M . -3.19 35.99 -12.60
CL CL N . -11.23 -11.29 24.03
O1 NUK O . -4.58 29.92 -16.92
C5 NUK O . -3.45 29.51 -16.73
O NUK O . -2.42 30.29 -16.55
C4 NUK O . -3.15 28.07 -16.66
C3 NUK O . -1.96 27.46 -16.42
S1 NUK O . -4.44 26.92 -16.83
C6 NUK O . -3.36 25.60 -16.55
C NUK O . -3.51 24.18 -16.50
C2 NUK O . -2.08 26.05 -16.36
S NUK O . -1.04 24.71 -16.09
C1 NUK O . -2.32 23.59 -16.25
O1 NUK P . 1.92 -11.38 10.33
C5 NUK P . 1.62 -10.53 9.50
O NUK P . 1.51 -10.78 8.22
C4 NUK P . 1.41 -9.13 9.86
C3 NUK P . 1.09 -8.07 9.03
S1 NUK P . 1.67 -8.60 11.50
C6 NUK P . 1.36 -6.94 11.08
C NUK P . 1.36 -5.72 11.81
C2 NUK P . 1.06 -6.83 9.75
S NUK P . 0.76 -5.18 9.37
C1 NUK P . 1.06 -4.68 10.99
O1 NUK Q . -11.56 1.07 -12.36
C5 NUK Q . -10.35 1.04 -12.58
O NUK Q . -9.70 2.01 -13.16
C4 NUK Q . -9.53 -0.11 -12.17
C3 NUK Q . -8.17 -0.30 -12.33
S1 NUK Q . -10.25 -1.40 -11.25
C6 NUK Q . -8.72 -2.18 -11.06
C NUK Q . -8.29 -3.37 -10.35
C2 NUK Q . -7.73 -1.48 -11.68
S NUK Q . -6.21 -2.26 -11.42
C1 NUK Q . -6.94 -3.51 -10.48
P PO4 R . -14.39 20.63 2.61
O1 PO4 R . -15.90 20.54 2.75
O2 PO4 R . -14.04 21.15 1.23
O3 PO4 R . -13.87 21.57 3.68
O4 PO4 R . -13.77 19.27 2.83
#